data_2WQB
#
_entry.id   2WQB
#
_cell.length_a   80.164
_cell.length_b   108.791
_cell.length_c   101.573
_cell.angle_alpha   90.00
_cell.angle_beta   90.00
_cell.angle_gamma   90.00
#
_symmetry.space_group_name_H-M   'C 2 2 21'
#
loop_
_entity.id
_entity.type
_entity.pdbx_description
1 polymer 'ANGIOPOIETIN-1 RECEPTOR'
2 non-polymer 2-[3-(CYCLOHEXYLMETHYL)-5-PHENYL-IMIDAZOL-4-YL]-[1,3]THIAZOLO[4,5-E]PYRIMIDIN-7-AMINE
3 water water
#
_entity_poly.entity_id   1
_entity_poly.type   'polypeptide(L)'
_entity_poly.pdbx_seq_one_letter_code
;GALNRKVKNNPDPTIYPVLDWNDIKFQDVIGEGNFGQVLKARIKKDGLRMDAAIKRMKEYASKDDHRDFAGELEVLCKLG
HHPNIINLLGACEHRGYLYLAIEYAPHGNLLDFLRKSRVLETDPAFAIANSTASTLSSQQLLHFAADVARGMDYLSQKQF
IHRNLAARNILVGENYVAKIADFGLSRGQEVYVKKTMGRLPVRWMAIESLNYSVYTTNSDVWSYGVLLWEIVSLGGTPYC
GMTCAELYEKLPQGYRLEKPLNCDDEVYDLMRQCWREKPYERPSFAQILVSLNRMLEERKTYVNTTLYEKFTYAGIDCSA
EEAA
;
_entity_poly.pdbx_strand_id   A
#
# COMPACT_ATOMS: atom_id res chain seq x y z
N TYR A 16 15.44 -9.52 -19.01
CA TYR A 16 14.07 -9.94 -19.42
C TYR A 16 13.09 -8.80 -19.17
N PRO A 17 12.81 -7.99 -20.20
CA PRO A 17 13.57 -7.87 -21.42
C PRO A 17 14.92 -7.20 -21.19
N VAL A 18 15.56 -6.81 -22.29
CA VAL A 18 16.79 -6.01 -22.24
C VAL A 18 16.46 -4.66 -22.86
N LEU A 19 16.97 -3.59 -22.25
CA LEU A 19 16.67 -2.25 -22.69
C LEU A 19 17.88 -1.65 -23.36
N ASP A 20 17.69 -0.98 -24.50
CA ASP A 20 18.79 -0.26 -25.13
C ASP A 20 18.87 1.15 -24.53
N TRP A 21 20.08 1.57 -24.21
CA TRP A 21 20.31 2.88 -23.63
C TRP A 21 19.73 3.99 -24.48
N ASN A 22 19.90 3.84 -25.78
CA ASN A 22 19.54 4.88 -26.71
C ASN A 22 18.02 5.05 -26.84
N ASP A 23 17.24 4.30 -26.07
CA ASP A 23 15.77 4.44 -26.07
C ASP A 23 15.27 5.16 -24.85
N ILE A 24 16.21 5.46 -23.95
CA ILE A 24 15.88 6.11 -22.71
C ILE A 24 16.00 7.60 -22.94
N LYS A 25 14.99 8.34 -22.52
CA LYS A 25 15.04 9.79 -22.42
C LYS A 25 14.63 10.13 -20.99
N PHE A 26 15.57 10.46 -20.12
CA PHE A 26 15.24 10.82 -18.73
C PHE A 26 14.60 12.22 -18.67
N GLN A 27 13.56 12.34 -17.83
CA GLN A 27 12.68 13.50 -17.75
C GLN A 27 12.82 14.32 -16.47
N ASP A 28 13.06 13.66 -15.35
CA ASP A 28 13.10 14.34 -14.07
C ASP A 28 13.57 13.33 -13.03
N VAL A 29 14.01 13.82 -11.88
CA VAL A 29 14.34 12.97 -10.74
C VAL A 29 13.10 12.83 -9.91
N ILE A 30 12.93 11.69 -9.25
CA ILE A 30 11.81 11.51 -8.33
C ILE A 30 12.27 10.94 -6.98
N GLY A 31 11.91 11.63 -5.88
CA GLY A 31 12.19 11.16 -4.50
C GLY A 31 13.42 11.80 -3.82
N GLU A 32 14.17 10.99 -3.07
CA GLU A 32 15.27 11.49 -2.20
C GLU A 32 16.56 10.60 -2.10
N GLY A 33 16.41 9.33 -1.71
CA GLY A 33 17.57 8.44 -1.45
C GLY A 33 17.36 7.39 -0.34
N GLY A 36 16.86 4.69 -3.04
CA GLY A 36 18.11 5.23 -3.51
C GLY A 36 17.92 6.30 -4.58
N GLN A 37 18.67 6.19 -5.68
CA GLN A 37 18.68 7.24 -6.73
C GLN A 37 17.79 6.90 -7.94
N VAL A 38 16.60 7.56 -8.04
CA VAL A 38 15.63 7.24 -9.13
C VAL A 38 15.12 8.42 -9.97
N LEU A 39 14.71 8.09 -11.20
CA LEU A 39 14.43 9.03 -12.29
C LEU A 39 13.24 8.63 -13.14
N LYS A 40 12.60 9.62 -13.73
CA LYS A 40 11.48 9.37 -14.63
C LYS A 40 12.06 9.39 -16.01
N ALA A 41 11.76 8.37 -16.81
CA ALA A 41 12.22 8.34 -18.18
C ALA A 41 11.09 8.09 -19.15
N ARG A 42 11.46 7.94 -20.40
CA ARG A 42 10.59 7.30 -21.34
C ARG A 42 11.43 6.25 -22.01
N ILE A 43 10.94 5.04 -22.05
CA ILE A 43 11.65 4.02 -22.75
C ILE A 43 10.84 3.61 -23.96
N LYS A 44 11.53 2.96 -24.91
CA LYS A 44 10.89 2.22 -25.99
C LYS A 44 11.06 0.74 -25.71
N LYS A 45 9.97 0.00 -25.74
CA LYS A 45 9.96 -1.43 -25.43
C LYS A 45 8.96 -2.18 -26.34
N ASP A 46 9.49 -3.08 -27.16
CA ASP A 46 8.67 -3.83 -28.13
C ASP A 46 7.97 -2.84 -29.05
N GLY A 47 8.72 -1.83 -29.50
CA GLY A 47 8.20 -0.83 -30.43
C GLY A 47 7.16 0.14 -29.90
N LEU A 48 6.97 0.17 -28.58
CA LEU A 48 6.05 1.12 -27.94
C LEU A 48 6.82 2.10 -27.04
N ARG A 49 6.28 3.30 -26.86
CA ARG A 49 6.91 4.32 -26.02
C ARG A 49 6.11 4.49 -24.76
N MET A 50 6.77 4.45 -23.60
CA MET A 50 6.06 4.46 -22.31
C MET A 50 6.93 5.00 -21.24
N ASP A 51 6.31 5.54 -20.21
CA ASP A 51 7.02 6.05 -19.04
C ASP A 51 7.54 4.89 -18.25
N ALA A 52 8.75 5.02 -17.76
CA ALA A 52 9.34 4.07 -16.86
C ALA A 52 9.81 4.89 -15.70
N ALA A 53 10.09 4.23 -14.59
CA ALA A 53 10.91 4.77 -13.53
C ALA A 53 12.18 3.93 -13.57
N ILE A 54 13.33 4.58 -13.64
CA ILE A 54 14.60 3.90 -13.77
C ILE A 54 15.43 4.14 -12.50
N LYS A 55 15.90 3.06 -11.88
CA LYS A 55 16.87 3.15 -10.77
C LYS A 55 18.18 2.51 -11.17
N ARG A 56 19.27 3.17 -10.79
CA ARG A 56 20.62 2.81 -11.21
C ARG A 56 21.32 2.09 -10.07
N MET A 57 21.51 0.79 -10.21
CA MET A 57 22.22 0.02 -9.17
C MET A 57 23.72 -0.20 -9.44
N LYS A 58 24.50 -0.20 -8.35
CA LYS A 58 25.96 -0.45 -8.41
C LYS A 58 26.29 -1.93 -8.70
N GLU A 59 27.37 -2.14 -9.46
CA GLU A 59 27.84 -3.48 -9.90
C GLU A 59 26.99 -4.03 -11.04
N LEU A 73 16.43 -13.42 -9.85
CA LEU A 73 15.93 -12.27 -9.10
C LEU A 73 15.18 -11.28 -10.01
N GLU A 74 15.55 -11.23 -11.30
CA GLU A 74 14.84 -10.37 -12.25
C GLU A 74 13.73 -11.13 -13.02
N VAL A 75 13.95 -12.41 -13.30
CA VAL A 75 12.95 -13.30 -13.95
C VAL A 75 11.70 -13.47 -13.03
N LEU A 76 11.93 -13.77 -11.75
CA LEU A 76 10.86 -13.75 -10.74
C LEU A 76 10.19 -12.36 -10.66
N CYS A 77 10.91 -11.28 -11.02
CA CYS A 77 10.29 -9.95 -11.04
C CYS A 77 9.25 -9.79 -12.13
N LYS A 78 8.79 -10.90 -12.72
CA LYS A 78 7.53 -10.89 -13.48
C LYS A 78 6.71 -12.22 -13.54
N LEU A 79 5.66 -12.40 -12.72
CA LEU A 79 5.31 -11.62 -11.51
C LEU A 79 4.63 -10.21 -11.68
N GLY A 80 5.39 -9.17 -12.05
CA GLY A 80 4.80 -7.90 -12.49
C GLY A 80 3.66 -8.00 -13.53
N HIS A 81 3.61 -9.11 -14.25
CA HIS A 81 2.55 -9.38 -15.21
C HIS A 81 1.17 -9.28 -14.59
N HIS A 82 1.10 -9.31 -13.27
CA HIS A 82 -0.13 -9.05 -12.53
C HIS A 82 -0.43 -7.55 -12.43
N PRO A 83 -1.68 -7.17 -12.69
CA PRO A 83 -2.13 -5.79 -12.75
C PRO A 83 -2.04 -4.96 -11.45
N ASN A 84 -1.93 -5.60 -10.29
CA ASN A 84 -1.66 -4.83 -9.08
C ASN A 84 -0.22 -5.02 -8.56
N ILE A 85 0.74 -5.33 -9.45
CA ILE A 85 2.16 -5.44 -9.04
C ILE A 85 3.04 -4.68 -10.00
N ILE A 86 3.63 -3.62 -9.53
CA ILE A 86 4.53 -2.84 -10.35
C ILE A 86 5.35 -3.73 -11.28
N ASN A 87 5.11 -3.62 -12.59
CA ASN A 87 5.76 -4.48 -13.57
C ASN A 87 7.20 -4.05 -13.90
N LEU A 88 8.01 -5.05 -14.21
CA LEU A 88 9.37 -4.84 -14.60
C LEU A 88 9.31 -4.63 -16.07
N LEU A 89 9.96 -3.57 -16.54
CA LEU A 89 9.86 -3.19 -17.94
C LEU A 89 11.09 -3.57 -18.67
N GLY A 90 12.24 -3.28 -18.08
CA GLY A 90 13.51 -3.55 -18.76
C GLY A 90 14.67 -3.36 -17.82
N ALA A 91 15.81 -3.90 -18.22
CA ALA A 91 17.04 -3.73 -17.49
C ALA A 91 18.07 -3.48 -18.55
N CYS A 92 19.16 -2.82 -18.17
CA CYS A 92 20.14 -2.41 -19.15
C CYS A 92 21.43 -1.95 -18.52
N GLU A 93 22.52 -2.62 -18.91
CA GLU A 93 23.87 -2.28 -18.49
C GLU A 93 24.30 -1.10 -19.35
N HIS A 94 24.86 -0.07 -18.69
CA HIS A 94 25.44 1.10 -19.38
C HIS A 94 26.60 1.73 -18.58
N ARG A 95 27.78 1.80 -19.20
CA ARG A 95 29.01 2.23 -18.53
C ARG A 95 29.05 1.71 -17.12
N GLY A 96 29.07 0.38 -17.01
CA GLY A 96 29.46 -0.27 -15.77
C GLY A 96 28.37 -0.34 -14.73
N TYR A 97 27.19 0.16 -15.08
CA TYR A 97 26.05 0.15 -14.18
C TYR A 97 24.92 -0.62 -14.83
N LEU A 98 24.00 -1.11 -13.98
CA LEU A 98 22.76 -1.72 -14.42
C LEU A 98 21.60 -0.79 -14.05
N TYR A 99 20.88 -0.31 -15.05
CA TYR A 99 19.75 0.56 -14.82
C TYR A 99 18.46 -0.27 -14.97
N LEU A 100 17.59 -0.23 -13.97
CA LEU A 100 16.38 -1.05 -13.89
C LEU A 100 15.08 -0.25 -14.16
N ALA A 101 14.42 -0.48 -15.29
CA ALA A 101 13.20 0.24 -15.68
C ALA A 101 11.98 -0.51 -15.22
N ILE A 102 11.14 0.10 -14.42
CA ILE A 102 9.92 -0.58 -13.96
C ILE A 102 8.69 0.29 -14.20
N GLU A 103 7.51 -0.32 -14.27
CA GLU A 103 6.27 0.39 -14.56
C GLU A 103 6.19 1.65 -13.73
N TYR A 104 5.84 2.77 -14.38
CA TYR A 104 5.77 4.12 -13.75
C TYR A 104 4.39 4.44 -13.18
N ALA A 105 4.37 4.91 -11.93
CA ALA A 105 3.12 5.26 -11.24
C ALA A 105 2.91 6.77 -11.25
N PRO A 106 2.01 7.27 -12.11
CA PRO A 106 1.66 8.68 -12.25
C PRO A 106 1.31 9.47 -10.98
N HIS A 107 0.83 8.81 -9.93
CA HIS A 107 0.19 9.52 -8.81
C HIS A 107 0.72 9.29 -7.38
N GLY A 108 1.98 8.91 -7.25
CA GLY A 108 2.62 8.86 -5.94
C GLY A 108 2.21 7.65 -5.13
N ASN A 109 2.68 7.57 -3.89
CA ASN A 109 2.25 6.52 -2.97
C ASN A 109 0.79 6.70 -2.55
N LEU A 110 0.12 5.64 -2.17
CA LEU A 110 -1.31 5.75 -1.86
C LEU A 110 -1.59 6.70 -0.70
N LEU A 111 -0.73 6.76 0.30
CA LEU A 111 -1.01 7.58 1.47
C LEU A 111 -1.14 9.03 1.10
N ASP A 112 -0.21 9.55 0.31
CA ASP A 112 -0.25 10.96 -0.06
C ASP A 112 -1.50 11.17 -0.88
N PHE A 113 -1.70 10.31 -1.86
CA PHE A 113 -2.83 10.42 -2.74
C PHE A 113 -4.10 10.57 -1.96
N LEU A 114 -4.31 9.67 -1.00
CA LEU A 114 -5.45 9.73 -0.11
C LEU A 114 -5.58 11.05 0.64
N ARG A 115 -4.42 11.53 1.12
CA ARG A 115 -4.37 12.74 1.95
C ARG A 115 -4.70 13.97 1.12
N LYS A 116 -4.16 13.97 -0.10
CA LYS A 116 -4.43 15.06 -1.01
C LYS A 116 -5.90 15.04 -1.38
N SER A 117 -6.56 13.90 -1.15
CA SER A 117 -7.99 13.78 -1.47
C SER A 117 -8.88 14.45 -0.42
N ARG A 118 -8.29 14.81 0.70
CA ARG A 118 -9.00 15.48 1.82
C ARG A 118 -9.44 16.89 1.47
N VAL A 119 -10.64 17.02 0.93
CA VAL A 119 -11.03 18.26 0.20
C VAL A 119 -11.46 19.45 1.12
N LEU A 120 -11.98 19.12 2.30
CA LEU A 120 -12.26 20.08 3.40
C LEU A 120 -11.06 20.91 3.78
N GLU A 121 -9.88 20.41 3.45
CA GLU A 121 -8.64 21.01 3.91
C GLU A 121 -7.85 21.60 2.74
N THR A 122 -8.01 21.02 1.57
CA THR A 122 -7.24 21.42 0.41
C THR A 122 -8.05 22.25 -0.56
N ASP A 123 -9.37 22.22 -0.48
CA ASP A 123 -10.24 22.96 -1.41
C ASP A 123 -11.67 22.99 -0.83
N PRO A 124 -11.88 23.70 0.29
CA PRO A 124 -13.15 23.64 1.02
C PRO A 124 -14.35 24.23 0.28
N ALA A 125 -14.11 25.20 -0.60
CA ALA A 125 -15.15 25.73 -1.49
C ALA A 125 -15.75 24.56 -2.25
N PHE A 126 -14.85 23.74 -2.80
CA PHE A 126 -15.24 22.52 -3.50
C PHE A 126 -15.95 21.59 -2.52
N ALA A 127 -15.33 21.36 -1.36
CA ALA A 127 -15.84 20.41 -0.37
C ALA A 127 -17.31 20.66 -0.03
N ILE A 128 -17.63 21.93 0.21
CA ILE A 128 -18.97 22.36 0.60
C ILE A 128 -19.97 22.27 -0.53
N ALA A 129 -19.60 22.84 -1.68
CA ALA A 129 -20.41 22.82 -2.90
C ALA A 129 -20.83 21.41 -3.20
N ASN A 130 -19.89 20.47 -3.10
CA ASN A 130 -20.17 19.07 -3.42
C ASN A 130 -20.56 18.13 -2.23
N SER A 131 -20.75 18.68 -1.02
CA SER A 131 -21.17 17.90 0.18
C SER A 131 -20.21 16.73 0.53
N THR A 132 -18.95 16.91 0.17
CA THR A 132 -18.00 15.81 0.24
C THR A 132 -16.75 16.18 1.01
N ALA A 133 -16.21 15.17 1.66
CA ALA A 133 -14.98 15.24 2.43
C ALA A 133 -13.79 14.73 1.58
N SER A 134 -14.08 13.94 0.55
CA SER A 134 -13.01 13.53 -0.32
C SER A 134 -13.38 13.72 -1.76
N THR A 135 -12.34 13.94 -2.56
CA THR A 135 -12.46 13.77 -4.00
C THR A 135 -12.62 12.28 -4.35
N LEU A 136 -12.33 11.38 -3.42
CA LEU A 136 -12.46 9.98 -3.67
C LEU A 136 -13.79 9.46 -3.18
N SER A 137 -14.27 8.39 -3.81
CA SER A 137 -15.57 7.83 -3.45
C SER A 137 -15.41 6.52 -2.70
N SER A 138 -16.43 6.16 -1.94
CA SER A 138 -16.41 4.91 -1.21
C SER A 138 -16.03 3.75 -2.11
N GLN A 139 -16.64 3.65 -3.29
CA GLN A 139 -16.31 2.57 -4.23
C GLN A 139 -14.85 2.58 -4.61
N GLN A 140 -14.32 3.79 -4.81
CA GLN A 140 -12.95 3.93 -5.28
C GLN A 140 -12.02 3.56 -4.18
N LEU A 141 -12.44 3.87 -2.96
CA LEU A 141 -11.63 3.63 -1.80
C LEU A 141 -11.54 2.14 -1.64
N LEU A 142 -12.64 1.46 -1.82
CA LEU A 142 -12.65 0.01 -1.67
C LEU A 142 -11.77 -0.67 -2.74
N HIS A 143 -11.85 -0.19 -3.97
CA HIS A 143 -11.07 -0.78 -5.06
C HIS A 143 -9.57 -0.74 -4.81
N PHE A 144 -9.12 0.27 -4.08
CA PHE A 144 -7.77 0.35 -3.70
C PHE A 144 -7.57 -0.77 -2.73
N ALA A 145 -8.53 -1.00 -1.86
CA ALA A 145 -8.43 -2.12 -0.92
C ALA A 145 -8.39 -3.44 -1.68
N ALA A 146 -9.37 -3.65 -2.57
CA ALA A 146 -9.42 -4.85 -3.40
C ALA A 146 -8.09 -4.98 -4.13
N ASP A 147 -7.62 -3.88 -4.69
CA ASP A 147 -6.45 -3.86 -5.53
C ASP A 147 -5.31 -4.43 -4.80
N VAL A 148 -5.09 -3.96 -3.60
CA VAL A 148 -3.95 -4.46 -2.81
C VAL A 148 -4.18 -5.87 -2.32
N ALA A 149 -5.42 -6.15 -1.93
CA ALA A 149 -5.85 -7.46 -1.49
C ALA A 149 -5.54 -8.53 -2.56
N ARG A 150 -5.98 -8.23 -3.77
CA ARG A 150 -5.72 -9.05 -4.94
C ARG A 150 -4.23 -9.30 -5.21
N GLY A 151 -3.46 -8.22 -5.23
CA GLY A 151 -2.02 -8.36 -5.43
C GLY A 151 -1.43 -9.26 -4.37
N MET A 152 -1.78 -9.01 -3.11
CA MET A 152 -1.20 -9.81 -2.03
C MET A 152 -1.58 -11.28 -2.16
N ASP A 153 -2.84 -11.54 -2.45
CA ASP A 153 -3.31 -12.87 -2.67
C ASP A 153 -2.43 -13.61 -3.66
N TYR A 154 -2.37 -13.10 -4.87
CA TYR A 154 -1.38 -13.58 -5.84
C TYR A 154 0.08 -13.71 -5.34
N LEU A 155 0.61 -12.79 -4.54
CA LEU A 155 1.97 -13.01 -4.00
C LEU A 155 2.01 -14.08 -2.94
N SER A 156 1.17 -13.92 -1.93
CA SER A 156 1.20 -14.82 -0.80
C SER A 156 1.07 -16.27 -1.24
N GLN A 157 0.29 -16.52 -2.29
CA GLN A 157 0.12 -17.88 -2.84
C GLN A 157 1.30 -18.38 -3.64
N LYS A 158 2.19 -17.48 -3.99
CA LYS A 158 3.48 -17.87 -4.50
C LYS A 158 4.53 -17.77 -3.40
N GLN A 159 4.08 -17.85 -2.14
CA GLN A 159 4.94 -17.97 -0.95
C GLN A 159 5.77 -16.74 -0.61
N PHE A 160 5.35 -15.56 -1.08
CA PHE A 160 6.08 -14.34 -0.77
C PHE A 160 5.54 -13.67 0.49
N ILE A 161 6.46 -13.02 1.19
CA ILE A 161 6.16 -12.29 2.42
C ILE A 161 6.65 -10.88 2.18
N HIS A 162 5.69 -9.96 2.15
CA HIS A 162 5.95 -8.55 1.87
C HIS A 162 6.72 -7.92 3.03
N ARG A 163 6.13 -7.97 4.22
CA ARG A 163 6.74 -7.42 5.46
C ARG A 163 6.70 -5.90 5.56
N ASN A 164 6.09 -5.21 4.61
CA ASN A 164 6.03 -3.78 4.68
C ASN A 164 4.73 -3.17 4.19
N LEU A 165 3.64 -3.91 4.31
CA LEU A 165 2.38 -3.37 3.82
C LEU A 165 2.04 -2.14 4.65
N ALA A 166 1.83 -1.03 3.94
CA ALA A 166 1.42 0.25 4.51
C ALA A 166 1.01 1.18 3.35
N ALA A 167 0.16 2.15 3.62
CA ALA A 167 -0.39 2.96 2.54
C ALA A 167 0.75 3.56 1.80
N ARG A 168 1.69 4.14 2.54
CA ARG A 168 2.79 4.84 1.89
C ARG A 168 3.58 3.91 0.98
N ASN A 169 3.37 2.59 1.08
CA ASN A 169 4.23 1.61 0.37
C ASN A 169 3.53 0.96 -0.83
N ILE A 170 2.38 1.52 -1.16
CA ILE A 170 1.56 1.14 -2.29
C ILE A 170 1.55 2.33 -3.21
N LEU A 171 1.73 2.08 -4.50
CA LEU A 171 1.72 3.13 -5.50
C LEU A 171 0.39 3.09 -6.22
N VAL A 172 -0.08 4.28 -6.59
CA VAL A 172 -1.30 4.49 -7.34
C VAL A 172 -0.87 4.66 -8.76
N GLY A 173 -1.23 3.70 -9.61
CA GLY A 173 -0.69 3.65 -10.95
C GLY A 173 -1.64 4.17 -11.96
N GLU A 174 -1.35 3.88 -13.22
CA GLU A 174 -2.11 4.41 -14.35
C GLU A 174 -3.55 3.94 -14.14
N ASN A 175 -4.50 4.73 -14.63
CA ASN A 175 -5.92 4.53 -14.34
C ASN A 175 -6.28 4.39 -12.85
N TYR A 176 -5.46 5.00 -12.01
CA TYR A 176 -5.67 4.98 -10.55
C TYR A 176 -5.86 3.57 -10.00
N VAL A 177 -5.01 2.66 -10.46
CA VAL A 177 -5.03 1.27 -10.07
C VAL A 177 -3.88 1.10 -9.12
N ALA A 178 -4.14 0.53 -7.95
CA ALA A 178 -3.15 0.48 -6.92
C ALA A 178 -2.23 -0.66 -7.19
N LYS A 179 -0.94 -0.36 -7.13
CA LYS A 179 0.09 -1.33 -7.39
C LYS A 179 1.05 -1.49 -6.20
N ILE A 180 1.40 -2.75 -5.93
CA ILE A 180 2.39 -3.16 -4.94
C ILE A 180 3.79 -3.20 -5.56
N ALA A 181 4.80 -3.01 -4.72
CA ALA A 181 6.20 -3.13 -5.07
C ALA A 181 6.73 -4.54 -4.73
N ASP A 182 7.21 -5.26 -5.75
CA ASP A 182 7.76 -6.61 -5.53
C ASP A 182 9.25 -6.72 -5.12
N PHE A 183 9.92 -5.62 -4.72
CA PHE A 183 11.39 -5.74 -4.47
C PHE A 183 11.71 -6.19 -3.05
N GLY A 184 12.80 -6.95 -2.94
CA GLY A 184 13.28 -7.49 -1.65
C GLY A 184 12.15 -8.15 -0.88
N LEU A 185 11.64 -9.23 -1.45
CA LEU A 185 10.54 -9.96 -0.86
C LEU A 185 11.15 -11.25 -0.36
N SER A 186 10.89 -11.57 0.89
CA SER A 186 11.31 -12.83 1.44
C SER A 186 10.34 -13.83 0.89
N ARG A 187 10.84 -14.97 0.46
CA ARG A 187 9.98 -16.04 0.02
C ARG A 187 10.20 -17.28 0.89
N GLY A 188 9.11 -17.85 1.39
CA GLY A 188 9.21 -18.97 2.31
C GLY A 188 8.00 -19.09 3.20
N GLN A 189 8.02 -20.04 4.12
CA GLN A 189 6.94 -20.22 5.10
C GLN A 189 6.96 -19.10 6.14
N GLU A 190 8.16 -18.77 6.60
CA GLU A 190 8.32 -17.72 7.55
C GLU A 190 9.75 -17.18 7.49
N VAL A 191 9.94 -15.91 7.85
CA VAL A 191 11.24 -15.28 7.81
C VAL A 191 11.46 -14.45 9.04
N TYR A 192 12.61 -14.67 9.66
CA TYR A 192 13.05 -13.88 10.77
C TYR A 192 14.01 -12.83 10.30
N VAL A 193 13.76 -11.57 10.68
CA VAL A 193 14.74 -10.50 10.43
C VAL A 193 15.07 -9.78 11.73
N LYS A 194 16.36 -9.68 12.04
CA LYS A 194 16.81 -8.92 13.23
C LYS A 194 16.66 -7.42 13.01
N LYS A 195 16.23 -6.70 14.05
CA LYS A 195 16.02 -5.24 13.94
C LYS A 195 17.35 -4.45 14.02
N THR A 196 17.25 -3.13 13.73
CA THR A 196 18.37 -2.19 13.80
C THR A 196 18.47 -1.41 12.46
N GLY A 198 18.15 1.64 11.44
CA GLY A 198 16.93 2.11 10.75
C GLY A 198 15.73 2.12 11.67
N ARG A 199 14.53 2.41 11.13
CA ARG A 199 13.29 2.47 11.93
C ARG A 199 12.29 1.37 11.59
N LEU A 200 11.60 0.87 12.61
CA LEU A 200 10.55 -0.10 12.37
C LEU A 200 9.20 0.58 12.17
N PRO A 201 8.39 0.06 11.22
CA PRO A 201 6.97 0.37 11.05
C PRO A 201 6.09 -0.21 12.15
N VAL A 202 6.43 0.11 13.40
CA VAL A 202 5.78 -0.45 14.57
C VAL A 202 4.25 -0.45 14.40
N ARG A 203 3.73 0.70 14.01
CA ARG A 203 2.31 0.88 13.92
C ARG A 203 1.67 -0.06 12.91
N TRP A 204 2.47 -0.63 12.01
CA TRP A 204 1.95 -1.60 11.04
C TRP A 204 2.14 -3.06 11.43
N MET A 205 3.08 -3.31 12.34
CA MET A 205 3.48 -4.68 12.66
C MET A 205 2.47 -5.36 13.56
N ALA A 206 2.36 -6.68 13.34
CA ALA A 206 1.64 -7.55 14.24
C ALA A 206 2.52 -7.97 15.44
N ILE A 207 1.90 -8.68 16.37
CA ILE A 207 2.46 -8.83 17.69
C ILE A 207 3.64 -9.79 17.69
N GLU A 208 3.46 -10.92 17.02
CA GLU A 208 4.57 -11.85 16.85
C GLU A 208 5.74 -11.10 16.21
N SER A 209 5.46 -10.26 15.23
CA SER A 209 6.54 -9.54 14.62
C SER A 209 7.11 -8.61 15.66
N LEU A 210 6.24 -8.02 16.46
CA LEU A 210 6.68 -7.13 17.54
C LEU A 210 7.54 -7.86 18.58
N ASN A 211 7.02 -8.98 19.05
CA ASN A 211 7.73 -9.78 20.05
C ASN A 211 9.06 -10.43 19.58
N TYR A 212 9.07 -10.94 18.36
CA TYR A 212 10.07 -11.92 17.91
C TYR A 212 10.75 -11.62 16.55
N SER A 213 10.35 -10.56 15.85
CA SER A 213 10.96 -10.19 14.57
C SER A 213 10.78 -11.23 13.47
N VAL A 214 9.63 -11.90 13.52
CA VAL A 214 9.24 -12.90 12.54
C VAL A 214 8.05 -12.41 11.72
N TYR A 215 8.10 -12.67 10.41
CA TYR A 215 7.07 -12.28 9.47
C TYR A 215 6.58 -13.49 8.73
N THR A 216 5.29 -13.55 8.51
CA THR A 216 4.73 -14.62 7.72
C THR A 216 3.71 -13.98 6.81
N THR A 217 3.03 -14.77 5.98
CA THR A 217 1.85 -14.23 5.30
C THR A 217 0.81 -13.73 6.31
N ASN A 218 0.60 -14.47 7.38
CA ASN A 218 -0.32 -14.00 8.39
C ASN A 218 0.07 -12.67 9.03
N SER A 219 1.38 -12.40 9.15
CA SER A 219 1.82 -11.10 9.63
C SER A 219 1.45 -10.04 8.58
N ASP A 220 1.49 -10.41 7.30
CA ASP A 220 1.15 -9.49 6.21
C ASP A 220 -0.32 -9.11 6.28
N VAL A 221 -1.19 -10.03 6.66
CA VAL A 221 -2.59 -9.69 6.72
C VAL A 221 -2.87 -8.66 7.83
N TRP A 222 -2.19 -8.80 8.97
CA TRP A 222 -2.34 -7.86 10.06
C TRP A 222 -2.04 -6.48 9.51
N SER A 223 -0.86 -6.35 8.94
CA SER A 223 -0.47 -5.08 8.32
C SER A 223 -1.53 -4.60 7.31
N TYR A 224 -2.07 -5.52 6.53
CA TYR A 224 -3.06 -5.15 5.53
C TYR A 224 -4.25 -4.48 6.17
N GLY A 225 -4.72 -4.99 7.31
CA GLY A 225 -5.85 -4.36 7.99
C GLY A 225 -5.54 -2.92 8.41
N VAL A 226 -4.26 -2.64 8.66
CA VAL A 226 -3.85 -1.29 9.04
C VAL A 226 -3.86 -0.44 7.79
N LEU A 227 -3.34 -1.00 6.70
CA LEU A 227 -3.52 -0.39 5.38
C LEU A 227 -4.99 -0.06 5.12
N LEU A 228 -5.87 -1.02 5.40
CA LEU A 228 -7.31 -0.89 5.08
C LEU A 228 -7.87 0.21 5.93
N TRP A 229 -7.56 0.12 7.23
CA TRP A 229 -7.88 1.19 8.18
C TRP A 229 -7.35 2.55 7.70
N GLU A 230 -6.14 2.55 7.16
CA GLU A 230 -5.52 3.79 6.64
C GLU A 230 -6.39 4.33 5.52
N ILE A 231 -6.81 3.44 4.62
CA ILE A 231 -7.58 3.85 3.44
C ILE A 231 -8.82 4.52 3.90
N VAL A 232 -9.50 3.88 4.85
CA VAL A 232 -10.80 4.36 5.29
C VAL A 232 -10.67 5.73 5.93
N SER A 233 -9.55 6.00 6.59
CA SER A 233 -9.37 7.26 7.32
C SER A 233 -8.71 8.27 6.40
N LEU A 234 -8.83 8.03 5.10
CA LEU A 234 -8.31 8.95 4.12
C LEU A 234 -6.91 9.40 4.51
N GLY A 235 -6.11 8.45 4.98
CA GLY A 235 -4.70 8.71 5.29
C GLY A 235 -4.34 9.04 6.73
N GLY A 236 -5.18 8.64 7.66
CA GLY A 236 -4.90 8.89 9.05
C GLY A 236 -3.71 8.14 9.60
N THR A 237 -3.02 8.75 10.56
CA THR A 237 -1.91 8.07 11.20
C THR A 237 -2.51 7.08 12.20
N PRO A 238 -2.24 5.77 12.05
CA PRO A 238 -2.83 4.78 12.92
C PRO A 238 -2.33 4.89 14.34
N TYR A 239 -3.22 4.86 15.32
CA TYR A 239 -2.84 5.06 16.73
C TYR A 239 -2.36 6.51 16.93
N CYS A 240 -3.17 7.48 16.51
CA CYS A 240 -2.78 8.89 16.67
C CYS A 240 -2.77 9.20 18.16
N GLY A 241 -1.64 9.72 18.61
CA GLY A 241 -1.54 10.14 20.00
C GLY A 241 -0.66 9.18 20.77
N MET A 242 -0.99 7.90 20.72
CA MET A 242 -0.16 6.85 21.34
C MET A 242 1.29 6.83 20.85
N THR A 243 2.21 6.46 21.74
CA THR A 243 3.61 6.33 21.37
C THR A 243 3.93 4.87 21.09
N CYS A 244 5.05 4.64 20.42
CA CYS A 244 5.51 3.27 20.12
C CYS A 244 5.61 2.39 21.39
N ALA A 245 6.15 2.92 22.48
CA ALA A 245 6.10 2.20 23.77
C ALA A 245 4.68 1.80 24.16
N GLU A 246 3.76 2.76 24.17
CA GLU A 246 2.38 2.50 24.59
C GLU A 246 1.79 1.34 23.82
N LEU A 247 2.06 1.31 22.52
CA LEU A 247 1.56 0.21 21.67
C LEU A 247 2.07 -1.16 22.14
N TYR A 248 3.38 -1.33 22.24
CA TYR A 248 3.95 -2.58 22.73
C TYR A 248 3.16 -3.14 23.92
N GLU A 249 2.98 -2.32 24.95
CA GLU A 249 2.27 -2.72 26.19
C GLU A 249 0.78 -3.04 25.97
N LYS A 250 0.12 -2.27 25.10
CA LYS A 250 -1.33 -2.32 24.97
C LYS A 250 -1.86 -3.36 23.95
N LEU A 251 -1.01 -3.81 23.03
CA LEU A 251 -1.44 -4.76 22.00
C LEU A 251 -1.60 -6.19 22.54
N PRO A 252 -0.59 -6.72 23.27
CA PRO A 252 -0.74 -8.03 23.95
C PRO A 252 -1.94 -8.02 24.91
N GLN A 253 -2.30 -6.79 25.33
CA GLN A 253 -3.41 -6.53 26.24
C GLN A 253 -4.75 -6.79 25.58
N GLY A 254 -4.77 -6.76 24.25
CA GLY A 254 -5.99 -6.95 23.47
C GLY A 254 -6.49 -5.67 22.83
N TYR A 255 -5.70 -4.60 22.93
CA TYR A 255 -6.08 -3.32 22.31
C TYR A 255 -6.03 -3.34 20.77
N ARG A 256 -7.05 -2.78 20.14
CA ARG A 256 -7.07 -2.62 18.68
C ARG A 256 -7.39 -1.18 18.23
N LEU A 257 -6.96 -0.77 17.04
CA LEU A 257 -7.41 0.52 16.45
C LEU A 257 -8.91 0.71 16.47
N GLU A 258 -9.31 1.96 16.71
CA GLU A 258 -10.72 2.29 16.92
C GLU A 258 -11.38 2.43 15.56
N LYS A 259 -12.56 1.86 15.42
CA LYS A 259 -13.37 2.02 14.22
C LYS A 259 -13.67 3.47 13.90
N PRO A 260 -13.25 3.93 12.72
CA PRO A 260 -13.49 5.28 12.25
C PRO A 260 -14.93 5.67 12.11
N LEU A 261 -15.14 6.96 12.33
CA LEU A 261 -16.44 7.61 12.30
C LEU A 261 -17.10 7.57 10.93
N ASN A 262 -16.31 7.41 9.87
CA ASN A 262 -16.87 7.34 8.52
C ASN A 262 -17.00 5.91 8.00
N CYS A 263 -16.76 4.92 8.86
CA CYS A 263 -16.61 3.53 8.43
C CYS A 263 -17.78 2.66 8.84
N ASP A 264 -18.36 1.92 7.88
CA ASP A 264 -19.39 0.88 8.16
C ASP A 264 -18.82 -0.27 8.98
N ASP A 265 -19.71 -0.97 9.66
CA ASP A 265 -19.33 -1.96 10.66
C ASP A 265 -18.67 -3.21 10.10
N GLU A 266 -19.10 -3.63 8.92
CA GLU A 266 -18.51 -4.80 8.31
C GLU A 266 -17.06 -4.47 7.89
N VAL A 267 -16.83 -3.29 7.34
CA VAL A 267 -15.49 -2.95 6.90
C VAL A 267 -14.60 -3.06 8.12
N TYR A 268 -15.07 -2.52 9.26
CA TYR A 268 -14.30 -2.57 10.49
C TYR A 268 -14.13 -3.98 10.96
N ASP A 269 -15.22 -4.71 10.88
CA ASP A 269 -15.19 -6.10 11.25
C ASP A 269 -14.04 -6.82 10.55
N LEU A 270 -13.97 -6.64 9.24
CA LEU A 270 -12.90 -7.19 8.45
C LEU A 270 -11.54 -6.76 8.99
N MET A 271 -11.36 -5.49 9.29
CA MET A 271 -10.07 -5.06 9.82
C MET A 271 -9.77 -5.89 11.06
N ARG A 272 -10.80 -6.10 11.87
CA ARG A 272 -10.58 -6.69 13.17
C ARG A 272 -10.10 -8.10 13.05
N GLN A 273 -10.51 -8.78 11.99
CA GLN A 273 -10.10 -10.16 11.81
C GLN A 273 -8.62 -10.23 11.49
N CYS A 274 -8.16 -9.24 10.75
CA CYS A 274 -6.79 -9.20 10.33
C CYS A 274 -5.93 -9.06 11.58
N TRP A 275 -6.49 -8.49 12.64
CA TRP A 275 -5.70 -8.19 13.82
C TRP A 275 -5.94 -9.17 14.94
N ARG A 276 -6.51 -10.30 14.63
CA ARG A 276 -6.65 -11.33 15.63
C ARG A 276 -5.29 -11.69 16.22
N GLU A 277 -5.28 -12.02 17.52
CA GLU A 277 -4.03 -12.26 18.23
C GLU A 277 -3.37 -13.50 17.68
N LYS A 278 -4.18 -14.54 17.42
CA LYS A 278 -3.63 -15.82 16.97
C LYS A 278 -3.49 -15.77 15.46
N PRO A 279 -2.27 -15.76 14.94
CA PRO A 279 -1.99 -15.53 13.54
C PRO A 279 -2.84 -16.36 12.59
N TYR A 280 -2.72 -17.67 12.75
CA TYR A 280 -3.49 -18.66 12.01
C TYR A 280 -5.00 -18.45 12.05
N GLU A 281 -5.48 -17.64 13.00
CA GLU A 281 -6.89 -17.32 13.01
C GLU A 281 -7.28 -16.31 11.94
N ARG A 282 -6.35 -15.47 11.53
CA ARG A 282 -6.63 -14.40 10.57
C ARG A 282 -7.07 -14.92 9.21
N PRO A 283 -7.70 -14.05 8.41
CA PRO A 283 -8.11 -14.55 7.11
C PRO A 283 -6.98 -14.55 6.06
N SER A 284 -7.28 -15.16 4.93
CA SER A 284 -6.35 -15.17 3.83
C SER A 284 -6.68 -13.98 2.96
N PHE A 285 -5.79 -13.60 2.09
CA PHE A 285 -6.14 -12.53 1.16
C PHE A 285 -7.33 -12.92 0.27
N ALA A 286 -7.38 -14.14 -0.23
CA ALA A 286 -8.61 -14.59 -0.96
C ALA A 286 -9.90 -14.25 -0.17
N GLN A 287 -9.89 -14.57 1.13
CA GLN A 287 -11.07 -14.35 1.96
C GLN A 287 -11.37 -12.85 2.02
N ILE A 288 -10.36 -12.05 2.34
CA ILE A 288 -10.45 -10.61 2.36
C ILE A 288 -11.03 -10.14 1.04
N LEU A 289 -10.33 -10.47 -0.03
CA LEU A 289 -10.73 -10.09 -1.39
C LEU A 289 -12.16 -10.50 -1.69
N VAL A 290 -12.54 -11.73 -1.36
CA VAL A 290 -13.92 -12.15 -1.59
C VAL A 290 -14.82 -11.10 -0.97
N SER A 291 -14.68 -10.96 0.34
CA SER A 291 -15.49 -10.06 1.12
C SER A 291 -15.52 -8.62 0.57
N LEU A 292 -14.39 -8.05 0.13
CA LEU A 292 -14.46 -6.71 -0.45
C LEU A 292 -15.32 -6.69 -1.72
N ASN A 293 -15.19 -7.74 -2.53
CA ASN A 293 -15.83 -7.80 -3.81
C ASN A 293 -17.31 -7.82 -3.65
N ARG A 294 -17.78 -8.54 -2.62
CA ARG A 294 -19.16 -8.44 -2.16
C ARG A 294 -19.55 -7.00 -1.84
N MET A 295 -18.79 -6.37 -0.97
CA MET A 295 -19.09 -5.01 -0.59
C MET A 295 -19.21 -4.08 -1.78
N LEU A 296 -18.28 -4.23 -2.71
CA LEU A 296 -18.27 -3.43 -3.92
C LEU A 296 -19.54 -3.60 -4.73
N GLU A 297 -20.02 -4.83 -4.81
CA GLU A 297 -21.16 -5.13 -5.64
C GLU A 297 -22.48 -4.60 -5.03
N GLU A 298 -22.58 -4.54 -3.70
CA GLU A 298 -23.70 -3.87 -3.07
C GLU A 298 -23.77 -2.40 -3.54
N ARG A 299 -24.98 -1.83 -3.53
CA ARG A 299 -25.13 -0.39 -3.82
C ARG A 299 -24.82 0.47 -2.57
N LYS A 300 -24.69 -0.17 -1.41
CA LYS A 300 -24.56 0.54 -0.14
C LYS A 300 -23.20 1.22 -0.04
N THR A 301 -23.19 2.39 0.59
CA THR A 301 -21.94 3.11 0.85
C THR A 301 -21.34 2.50 2.12
N TYR A 302 -20.14 1.92 2.00
CA TYR A 302 -19.49 1.30 3.15
C TYR A 302 -18.53 2.26 3.89
N VAL A 303 -18.05 3.25 3.15
CA VAL A 303 -17.12 4.27 3.63
C VAL A 303 -17.70 5.65 3.30
N ASN A 304 -18.13 6.40 4.30
CA ASN A 304 -18.77 7.65 4.02
C ASN A 304 -17.77 8.71 3.68
N THR A 305 -18.04 9.48 2.65
CA THR A 305 -17.21 10.63 2.37
C THR A 305 -18.11 11.86 2.33
N THR A 306 -19.38 11.70 2.68
CA THR A 306 -20.36 12.74 2.51
C THR A 306 -20.58 13.51 3.79
N LEU A 307 -20.36 14.81 3.72
CA LEU A 307 -20.44 15.67 4.91
C LEU A 307 -21.68 15.48 5.79
N TYR A 308 -22.88 15.56 5.23
CA TYR A 308 -24.10 15.64 6.06
C TYR A 308 -23.96 16.72 7.14
N GLU A 309 -24.18 16.36 8.40
CA GLU A 309 -24.28 17.30 9.53
C GLU A 309 -22.98 17.45 10.32
N LYS A 310 -22.04 16.52 10.11
CA LYS A 310 -20.75 16.52 10.79
C LYS A 310 -19.76 15.60 10.05
N PHE A 311 -18.48 15.92 10.11
CA PHE A 311 -17.43 15.06 9.56
C PHE A 311 -16.08 15.36 10.20
N THR A 312 -15.26 14.33 10.44
CA THR A 312 -14.02 14.47 11.22
C THR A 312 -12.89 13.73 10.61
N TYR A 313 -11.85 14.43 10.23
CA TYR A 313 -10.69 13.82 9.64
C TYR A 313 -9.82 13.23 10.72
N ALA A 314 -9.54 11.93 10.62
CA ALA A 314 -8.54 11.27 11.46
C ALA A 314 -7.25 12.06 11.46
N GLY A 315 -6.69 12.29 12.62
CA GLY A 315 -5.42 13.03 12.71
C GLY A 315 -4.29 12.44 11.88
N ILE A 316 -3.46 13.33 11.33
CA ILE A 316 -2.25 12.97 10.58
C ILE A 316 -1.00 13.33 11.34
N ASP A 317 -0.97 14.58 11.81
CA ASP A 317 0.09 15.12 12.71
C ASP A 317 0.49 14.11 13.78
N CYS A 318 0.02 14.30 15.01
CA CYS A 318 0.52 13.56 16.14
C CYS A 318 2.05 13.57 16.20
N SER A 319 2.61 13.08 17.30
CA SER A 319 4.05 12.76 17.33
C SER A 319 4.28 11.30 16.83
N ALA A 320 4.28 11.14 15.49
CA ALA A 320 4.51 9.83 14.84
C ALA A 320 6.01 9.55 14.62
#